data_3MOO
#
_entry.id   3MOO
#
_cell.length_a   106.609
_cell.length_b   63.649
_cell.length_c   78.520
_cell.angle_alpha   90.00
_cell.angle_beta   130.34
_cell.angle_gamma   90.00
#
_symmetry.space_group_name_H-M   'C 1 2 1'
#
loop_
_entity.id
_entity.type
_entity.pdbx_description
1 polymer 'Heme oxygenase'
2 branched beta-D-fructofuranose-(2-1)-alpha-D-glucopyranose
3 non-polymer 'AZIDE ION'
4 non-polymer 'SULFATE ION'
5 non-polymer '5-OXA-PROTOPORPHYRIN IX CONTAINING FE'
6 water water
#
_entity_poly.entity_id   1
_entity_poly.type   'polypeptide(L)'
_entity_poly.pdbx_seq_one_letter_code
;MTTATAGLAVELKQSTAQAHEKAEHSTFMSDLLKGRLGVAEFTRLQEQAWLFYTALEQAVDAVRASGFAESLLDPALNRA
EVLARDLDKLNGSSEWRSRITASPAVIDYVNRLEEIRDNVDGPALVAHHYVRYLGDLSGGQVIARMMQRHYGVDPEALGF
YHFEGIAKLKVYKDEYREKLNNLELSDEQREHLLKEATDAFVFNHQVFADLGKGL
;
_entity_poly.pdbx_strand_id   A,B
#
loop_
_chem_comp.id
_chem_comp.type
_chem_comp.name
_chem_comp.formula
AZI non-polymer 'AZIDE ION' 'N3 -1'
FRU D-saccharide, beta linking beta-D-fructofuranose 'C6 H12 O6'
GLC D-saccharide, alpha linking alpha-D-glucopyranose 'C6 H12 O6'
SO4 non-polymer 'SULFATE ION' 'O4 S -2'
VEA non-polymer '5-OXA-PROTOPORPHYRIN IX CONTAINING FE' 'C33 H31 Fe N4 O5 5'
#
# COMPACT_ATOMS: atom_id res chain seq x y z
N GLY A 7 -0.30 33.03 -14.46
CA GLY A 7 0.38 32.38 -13.30
C GLY A 7 1.46 31.44 -13.80
N LEU A 8 2.56 31.37 -13.05
CA LEU A 8 3.70 30.55 -13.43
C LEU A 8 3.31 29.08 -13.56
N ALA A 9 2.49 28.58 -12.64
CA ALA A 9 2.17 27.13 -12.66
C ALA A 9 1.54 26.74 -14.00
N VAL A 10 0.58 27.55 -14.48
CA VAL A 10 -0.08 27.25 -15.76
C VAL A 10 0.90 27.37 -16.92
N GLU A 11 1.71 28.42 -16.91
CA GLU A 11 2.63 28.65 -18.01
C GLU A 11 3.64 27.54 -18.10
N LEU A 12 4.10 27.05 -16.95
CA LEU A 12 5.02 25.92 -16.89
C LEU A 12 4.40 24.68 -17.52
N LYS A 13 3.16 24.38 -17.13
CA LYS A 13 2.46 23.20 -17.66
C LYS A 13 2.28 23.32 -19.18
N GLN A 14 1.93 24.53 -19.64
CA GLN A 14 1.70 24.73 -21.07
C GLN A 14 2.98 24.74 -21.89
N SER A 15 4.02 25.40 -21.38
CA SER A 15 5.29 25.53 -22.11
C SER A 15 6.00 24.17 -22.26
N THR A 16 5.71 23.23 -21.35
CA THR A 16 6.35 21.90 -21.36
C THR A 16 5.43 20.76 -21.87
N ALA A 17 4.18 21.09 -22.27
CA ALA A 17 3.19 20.08 -22.69
C ALA A 17 3.71 19.17 -23.79
N GLN A 18 4.36 19.76 -24.80
CA GLN A 18 4.92 18.98 -25.92
C GLN A 18 6.06 18.06 -25.45
N ALA A 19 6.91 18.58 -24.57
CA ALA A 19 8.04 17.81 -24.03
C ALA A 19 7.55 16.68 -23.13
N HIS A 20 6.50 16.94 -22.36
CA HIS A 20 5.85 15.89 -21.57
C HIS A 20 5.34 14.74 -22.43
N GLU A 21 4.59 15.08 -23.48
CA GLU A 21 4.08 14.08 -24.41
C GLU A 21 5.22 13.24 -25.04
N LYS A 22 6.29 13.90 -25.48
CA LYS A 22 7.44 13.20 -26.03
C LYS A 22 8.10 12.26 -25.00
N ALA A 23 8.16 12.70 -23.74
CA ALA A 23 8.74 11.89 -22.64
C ALA A 23 7.91 10.64 -22.40
N GLU A 24 6.60 10.86 -22.35
CA GLU A 24 5.63 9.84 -22.07
C GLU A 24 5.61 8.76 -23.17
N HIS A 25 5.91 9.17 -24.41
CA HIS A 25 5.87 8.25 -25.57
C HIS A 25 7.22 7.74 -26.09
N SER A 26 8.30 8.01 -25.34
CA SER A 26 9.58 7.36 -25.60
C SER A 26 9.39 5.83 -25.66
N THR A 27 10.11 5.17 -26.57
CA THR A 27 9.97 3.71 -26.73
C THR A 27 10.25 2.91 -25.45
N PHE A 28 11.29 3.30 -24.72
CA PHE A 28 11.63 2.60 -23.47
C PHE A 28 10.52 2.71 -22.44
N MET A 29 10.09 3.94 -22.17
CA MET A 29 9.07 4.17 -21.14
C MET A 29 7.73 3.56 -21.56
N SER A 30 7.40 3.70 -22.85
CA SER A 30 6.22 3.11 -23.44
C SER A 30 6.20 1.59 -23.26
N ASP A 31 7.29 0.92 -23.68
CA ASP A 31 7.38 -0.53 -23.50
C ASP A 31 7.36 -0.95 -22.03
N LEU A 32 8.04 -0.19 -21.18
CA LEU A 32 8.10 -0.54 -19.77
C LEU A 32 6.70 -0.52 -19.18
N LEU A 33 5.97 0.57 -19.41
CA LEU A 33 4.64 0.74 -18.81
C LEU A 33 3.58 -0.18 -19.37
N LYS A 34 3.75 -0.59 -20.63
CA LYS A 34 2.78 -1.49 -21.30
C LYS A 34 3.02 -2.98 -20.99
N GLY A 35 4.07 -3.28 -20.21
CA GLY A 35 4.33 -4.63 -19.73
C GLY A 35 5.18 -5.43 -20.71
N ARG A 36 5.89 -4.71 -21.59
CA ARG A 36 6.71 -5.34 -22.66
C ARG A 36 8.19 -5.54 -22.30
N LEU A 37 8.58 -5.09 -21.10
CA LEU A 37 9.95 -5.28 -20.64
C LEU A 37 9.92 -6.17 -19.42
N GLY A 38 10.48 -5.72 -18.30
CA GLY A 38 10.62 -6.62 -17.13
C GLY A 38 11.24 -5.90 -15.95
N VAL A 39 11.30 -6.61 -14.83
CA VAL A 39 11.93 -6.07 -13.62
C VAL A 39 13.36 -5.57 -13.89
N ALA A 40 14.08 -6.27 -14.76
CA ALA A 40 15.45 -5.89 -15.02
C ALA A 40 15.55 -4.44 -15.54
N GLU A 41 14.73 -4.10 -16.53
CA GLU A 41 14.73 -2.77 -17.12
C GLU A 41 14.27 -1.70 -16.13
N PHE A 42 13.27 -2.03 -15.33
CA PHE A 42 12.84 -1.08 -14.30
C PHE A 42 14.02 -0.77 -13.34
N THR A 43 14.75 -1.83 -12.95
CA THR A 43 15.95 -1.70 -12.14
C THR A 43 17.02 -0.83 -12.81
N ARG A 44 17.27 -1.04 -14.11
CA ARG A 44 18.21 -0.15 -14.83
C ARG A 44 17.76 1.30 -14.77
N LEU A 45 16.46 1.54 -14.95
CA LEU A 45 15.90 2.89 -14.83
C LEU A 45 16.21 3.49 -13.46
N GLN A 46 15.89 2.74 -12.40
CA GLN A 46 16.04 3.24 -11.01
C GLN A 46 17.51 3.49 -10.63
N GLU A 47 18.41 2.72 -11.22
CA GLU A 47 19.85 2.89 -11.02
C GLU A 47 20.31 4.24 -11.58
N GLN A 48 19.88 4.53 -12.81
CA GLN A 48 20.19 5.81 -13.43
C GLN A 48 19.54 6.96 -12.63
N ALA A 49 18.31 6.73 -12.20
CA ALA A 49 17.63 7.74 -11.40
C ALA A 49 18.34 8.04 -10.11
N TRP A 50 18.91 7.01 -9.46
CA TRP A 50 19.66 7.22 -8.25
C TRP A 50 20.80 8.21 -8.55
N LEU A 51 21.47 8.04 -9.69
CA LEU A 51 22.54 8.99 -10.09
C LEU A 51 22.04 10.42 -10.24
N PHE A 52 20.99 10.65 -11.02
CA PHE A 52 20.53 12.02 -11.21
C PHE A 52 19.76 12.62 -10.01
N TYR A 53 19.03 11.79 -9.25
CA TYR A 53 18.43 12.30 -7.99
C TYR A 53 19.47 12.70 -6.97
N THR A 54 20.60 12.00 -6.94
CA THR A 54 21.69 12.34 -6.01
C THR A 54 22.17 13.76 -6.36
N ALA A 55 22.37 14.02 -7.66
CA ALA A 55 22.81 15.32 -8.13
C ALA A 55 21.74 16.40 -7.96
N LEU A 56 20.49 16.04 -8.28
CA LEU A 56 19.37 16.96 -8.11
C LEU A 56 19.31 17.44 -6.66
N GLU A 57 19.38 16.49 -5.73
CA GLU A 57 19.18 16.80 -4.31
C GLU A 57 20.34 17.58 -3.70
N GLN A 58 21.54 17.38 -4.22
CA GLN A 58 22.68 18.25 -3.87
C GLN A 58 22.43 19.70 -4.31
N ALA A 59 21.92 19.89 -5.54
CA ALA A 59 21.55 21.23 -6.03
C ALA A 59 20.43 21.83 -5.19
N VAL A 60 19.44 20.99 -4.84
CA VAL A 60 18.35 21.44 -3.97
C VAL A 60 18.88 21.94 -2.64
N ASP A 61 19.81 21.16 -2.07
CA ASP A 61 20.46 21.46 -0.80
C ASP A 61 21.16 22.83 -0.85
N ALA A 62 21.94 23.03 -1.92
CA ALA A 62 22.64 24.31 -2.17
C ALA A 62 21.68 25.50 -2.27
N VAL A 63 20.65 25.35 -3.10
CA VAL A 63 19.73 26.45 -3.33
C VAL A 63 18.90 26.78 -2.08
N ARG A 64 18.39 25.75 -1.41
CA ARG A 64 17.65 25.95 -0.16
C ARG A 64 18.55 26.68 0.84
N ALA A 65 19.81 26.21 0.97
CA ALA A 65 20.73 26.79 1.96
C ALA A 65 21.00 28.26 1.63
N SER A 66 20.93 28.62 0.35
CA SER A 66 21.17 30.00 -0.10
C SER A 66 20.01 30.94 0.22
N GLY A 67 18.87 30.35 0.56
CA GLY A 67 17.68 31.12 1.00
C GLY A 67 16.64 31.34 -0.10
N PHE A 68 16.74 30.58 -1.19
CA PHE A 68 15.81 30.75 -2.32
C PHE A 68 14.77 29.61 -2.38
N ALA A 69 13.50 29.94 -2.63
CA ALA A 69 12.41 28.95 -2.80
C ALA A 69 12.30 27.93 -1.64
N GLU A 70 12.55 28.39 -0.43
CA GLU A 70 12.60 27.51 0.74
C GLU A 70 11.33 26.69 0.92
N SER A 71 10.16 27.31 0.89
CA SER A 71 8.93 26.53 1.12
C SER A 71 8.63 25.50 0.03
N LEU A 72 9.06 25.77 -1.20
CA LEU A 72 8.94 24.82 -2.30
C LEU A 72 9.86 23.59 -2.11
N LEU A 73 11.06 23.84 -1.59
CA LEU A 73 12.10 22.83 -1.50
C LEU A 73 11.95 21.96 -0.23
N ASP A 74 10.78 21.33 -0.13
CA ASP A 74 10.39 20.51 1.02
C ASP A 74 11.30 19.26 1.13
N PRO A 75 12.04 19.11 2.24
CA PRO A 75 12.94 17.97 2.38
C PRO A 75 12.22 16.62 2.42
N ALA A 76 10.92 16.63 2.70
CA ALA A 76 10.10 15.42 2.63
C ALA A 76 10.14 14.81 1.22
N LEU A 77 10.42 15.63 0.21
CA LEU A 77 10.50 15.11 -1.16
C LEU A 77 11.75 14.29 -1.46
N ASN A 78 12.80 14.42 -0.62
CA ASN A 78 14.08 13.75 -0.93
C ASN A 78 13.89 12.28 -1.23
N ARG A 79 14.45 11.84 -2.37
CA ARG A 79 14.32 10.46 -2.85
C ARG A 79 15.59 9.59 -2.79
N ALA A 80 16.77 10.20 -2.68
CA ALA A 80 18.02 9.45 -2.89
C ALA A 80 18.19 8.25 -1.93
N GLU A 81 17.88 8.45 -0.65
CA GLU A 81 18.05 7.37 0.36
C GLU A 81 16.96 6.31 0.20
N VAL A 82 15.75 6.75 -0.11
CA VAL A 82 14.62 5.84 -0.33
C VAL A 82 14.93 4.98 -1.57
N LEU A 83 15.43 5.64 -2.60
CA LEU A 83 15.78 4.96 -3.85
C LEU A 83 16.88 3.92 -3.66
N ALA A 84 17.88 4.26 -2.84
CA ALA A 84 18.96 3.31 -2.52
C ALA A 84 18.41 2.05 -1.85
N ARG A 85 17.44 2.20 -0.96
CA ARG A 85 16.80 1.02 -0.32
C ARG A 85 16.01 0.20 -1.33
N ASP A 86 15.29 0.86 -2.24
CA ASP A 86 14.62 0.14 -3.34
C ASP A 86 15.63 -0.71 -4.12
N LEU A 87 16.77 -0.09 -4.44
CA LEU A 87 17.79 -0.78 -5.23
C LEU A 87 18.41 -1.96 -4.48
N ASP A 88 18.60 -1.80 -3.17
CA ASP A 88 19.08 -2.92 -2.33
C ASP A 88 18.11 -4.10 -2.50
N LYS A 89 16.81 -3.80 -2.49
CA LYS A 89 15.77 -4.83 -2.60
C LYS A 89 15.78 -5.44 -3.99
N LEU A 90 15.79 -4.57 -5.02
CA LEU A 90 15.70 -5.01 -6.43
C LEU A 90 16.91 -5.84 -6.86
N ASN A 91 18.09 -5.45 -6.35
CA ASN A 91 19.37 -6.04 -6.75
C ASN A 91 19.84 -7.14 -5.81
N GLY A 92 19.21 -7.25 -4.65
CA GLY A 92 19.46 -8.35 -3.71
C GLY A 92 20.64 -8.12 -2.76
N SER A 93 21.29 -6.96 -2.89
CA SER A 93 22.39 -6.53 -2.04
C SER A 93 22.69 -5.05 -2.33
N SER A 94 23.66 -4.50 -1.60
CA SER A 94 24.14 -3.15 -1.82
C SER A 94 25.31 -3.09 -2.81
N GLU A 95 25.61 -4.21 -3.47
CA GLU A 95 26.68 -4.29 -4.50
C GLU A 95 26.55 -3.28 -5.63
N TRP A 96 25.31 -2.97 -6.04
CA TRP A 96 25.05 -2.05 -7.14
C TRP A 96 25.82 -0.72 -7.09
N ARG A 97 26.07 -0.22 -5.87
CA ARG A 97 26.68 1.09 -5.64
C ARG A 97 28.02 1.25 -6.35
N SER A 98 28.81 0.20 -6.28
CA SER A 98 30.16 0.19 -6.85
C SER A 98 30.13 -0.43 -8.26
N ARG A 99 28.93 -0.74 -8.74
CA ARG A 99 28.75 -1.40 -10.03
C ARG A 99 28.16 -0.49 -11.09
N ILE A 100 27.31 0.46 -10.70
CA ILE A 100 26.58 1.24 -11.69
C ILE A 100 27.40 2.31 -12.39
N THR A 101 27.08 2.54 -13.66
CA THR A 101 27.77 3.50 -14.49
C THR A 101 26.73 4.43 -15.14
N ALA A 102 27.00 5.72 -15.10
CA ALA A 102 26.11 6.70 -15.71
C ALA A 102 26.17 6.56 -17.21
N SER A 103 25.00 6.57 -17.85
CA SER A 103 24.90 6.62 -19.31
C SER A 103 25.33 8.01 -19.81
N PRO A 104 25.67 8.16 -21.11
CA PRO A 104 25.98 9.50 -21.60
C PRO A 104 24.89 10.56 -21.30
N ALA A 105 23.60 10.18 -21.37
CA ALA A 105 22.54 11.16 -21.09
C ALA A 105 22.54 11.57 -19.62
N VAL A 106 22.78 10.60 -18.75
CA VAL A 106 22.85 10.89 -17.31
C VAL A 106 24.06 11.77 -16.99
N ILE A 107 25.21 11.49 -17.61
CA ILE A 107 26.36 12.38 -17.41
C ILE A 107 26.03 13.83 -17.77
N ASP A 108 25.34 14.04 -18.88
CA ASP A 108 24.95 15.40 -19.29
C ASP A 108 23.99 16.02 -18.25
N TYR A 109 22.98 15.24 -17.86
CA TYR A 109 21.97 15.64 -16.86
C TYR A 109 22.63 15.99 -15.53
N VAL A 110 23.49 15.11 -15.03
CA VAL A 110 24.22 15.33 -13.78
C VAL A 110 25.12 16.57 -13.89
N ASN A 111 25.82 16.71 -15.02
CA ASN A 111 26.63 17.92 -15.31
C ASN A 111 25.85 19.22 -15.16
N ARG A 112 24.63 19.23 -15.73
CA ARG A 112 23.76 20.42 -15.64
C ARG A 112 23.37 20.69 -14.21
N LEU A 113 23.00 19.62 -13.49
CA LEU A 113 22.57 19.75 -12.11
C LEU A 113 23.71 20.23 -11.23
N GLU A 114 24.93 19.76 -11.51
CA GLU A 114 26.08 20.23 -10.72
C GLU A 114 26.47 21.70 -11.04
N GLU A 115 26.22 22.13 -12.28
CA GLU A 115 26.41 23.54 -12.72
C GLU A 115 25.43 24.39 -11.90
N ILE A 116 24.20 23.89 -11.80
CA ILE A 116 23.13 24.63 -11.12
C ILE A 116 23.50 24.78 -9.64
N ARG A 117 23.97 23.68 -9.06
CA ARG A 117 24.38 23.63 -7.67
C ARG A 117 25.48 24.66 -7.41
N ASP A 118 26.55 24.56 -8.17
CA ASP A 118 27.75 25.33 -7.85
C ASP A 118 27.63 26.80 -8.22
N ASN A 119 26.77 27.09 -9.20
CA ASN A 119 26.41 28.47 -9.55
C ASN A 119 25.21 28.97 -8.74
N VAL A 120 24.68 28.11 -7.87
CA VAL A 120 23.47 28.40 -7.07
C VAL A 120 22.39 29.10 -7.93
N ASP A 121 21.97 28.39 -8.98
CA ASP A 121 21.03 28.92 -9.96
C ASP A 121 19.61 28.53 -9.48
N GLY A 122 19.05 29.34 -8.59
CA GLY A 122 17.76 29.01 -7.99
C GLY A 122 16.64 28.77 -8.97
N PRO A 123 16.39 29.70 -9.90
CA PRO A 123 15.33 29.46 -10.87
C PRO A 123 15.50 28.18 -11.70
N ALA A 124 16.73 27.89 -12.13
CA ALA A 124 16.97 26.64 -12.84
C ALA A 124 16.65 25.43 -11.94
N LEU A 125 17.03 25.53 -10.67
CA LEU A 125 16.81 24.41 -9.76
C LEU A 125 15.30 24.16 -9.62
N VAL A 126 14.52 25.23 -9.45
CA VAL A 126 13.06 25.08 -9.34
C VAL A 126 12.46 24.37 -10.56
N ALA A 127 12.93 24.75 -11.74
CA ALA A 127 12.51 24.07 -12.99
C ALA A 127 12.77 22.56 -12.91
N HIS A 128 13.99 22.17 -12.54
CA HIS A 128 14.33 20.74 -12.43
C HIS A 128 13.52 19.98 -11.35
N HIS A 129 13.25 20.69 -10.25
CA HIS A 129 12.50 20.18 -9.09
C HIS A 129 11.06 19.90 -9.52
N TYR A 130 10.45 20.86 -10.21
CA TYR A 130 9.09 20.69 -10.72
C TYR A 130 8.99 19.48 -11.67
N VAL A 131 9.93 19.38 -12.61
CA VAL A 131 9.84 18.37 -13.67
C VAL A 131 9.93 16.95 -13.06
N ARG A 132 10.88 16.76 -12.15
CA ARG A 132 11.04 15.43 -11.50
C ARG A 132 9.97 15.16 -10.45
N TYR A 133 9.92 16.01 -9.42
CA TYR A 133 9.02 15.70 -8.29
C TYR A 133 7.53 15.74 -8.63
N LEU A 134 7.08 16.71 -9.42
CA LEU A 134 5.66 16.69 -9.80
C LEU A 134 5.34 15.50 -10.73
N GLY A 135 6.32 15.06 -11.52
CA GLY A 135 6.22 13.81 -12.25
C GLY A 135 6.03 12.61 -11.31
N ASP A 136 6.88 12.49 -10.30
CA ASP A 136 6.80 11.40 -9.32
C ASP A 136 5.43 11.33 -8.62
N LEU A 137 4.94 12.50 -8.23
CA LEU A 137 3.62 12.68 -7.60
C LEU A 137 2.44 12.51 -8.55
N SER A 138 2.72 12.25 -9.82
CA SER A 138 1.69 12.24 -10.86
C SER A 138 1.72 10.90 -11.55
N GLY A 139 2.28 10.86 -12.76
CA GLY A 139 2.44 9.61 -13.52
C GLY A 139 3.26 8.57 -12.77
N GLY A 140 4.14 9.02 -11.87
CA GLY A 140 4.94 8.10 -11.05
C GLY A 140 4.04 7.14 -10.27
N GLN A 141 2.88 7.62 -9.81
CA GLN A 141 1.91 6.75 -9.13
C GLN A 141 1.40 5.60 -10.01
N VAL A 142 1.17 5.90 -11.28
CA VAL A 142 0.77 4.90 -12.29
C VAL A 142 1.92 3.93 -12.56
N ILE A 143 3.12 4.46 -12.72
CA ILE A 143 4.31 3.63 -12.93
C ILE A 143 4.44 2.58 -11.83
N ALA A 144 4.34 2.99 -10.56
CA ALA A 144 4.50 2.06 -9.43
C ALA A 144 3.45 0.96 -9.50
N ARG A 145 2.21 1.35 -9.79
CA ARG A 145 1.13 0.36 -9.85
C ARG A 145 1.40 -0.67 -10.95
N MET A 146 1.86 -0.20 -12.10
CA MET A 146 2.12 -1.09 -13.21
C MET A 146 3.38 -1.95 -13.06
N MET A 147 4.39 -1.48 -12.34
CA MET A 147 5.54 -2.37 -12.04
C MET A 147 5.13 -3.56 -11.19
N GLN A 148 4.25 -3.33 -10.23
CA GLN A 148 3.72 -4.42 -9.40
C GLN A 148 2.86 -5.36 -10.30
N ARG A 149 1.90 -4.77 -11.02
CA ARG A 149 0.93 -5.56 -11.78
C ARG A 149 1.55 -6.30 -12.97
N HIS A 150 2.35 -5.61 -13.78
CA HIS A 150 2.93 -6.29 -14.94
C HIS A 150 4.02 -7.26 -14.54
N TYR A 151 4.87 -6.87 -13.59
CA TYR A 151 6.15 -7.59 -13.39
C TYR A 151 6.29 -8.26 -12.02
N GLY A 152 5.30 -8.09 -11.15
CA GLY A 152 5.36 -8.65 -9.79
C GLY A 152 6.41 -8.02 -8.87
N VAL A 153 6.81 -6.78 -9.16
CA VAL A 153 7.72 -6.06 -8.26
C VAL A 153 7.04 -5.88 -6.92
N ASP A 154 7.72 -6.24 -5.83
CA ASP A 154 7.16 -6.00 -4.51
C ASP A 154 7.13 -4.52 -4.21
N PRO A 155 5.98 -4.02 -3.72
CA PRO A 155 5.89 -2.62 -3.30
C PRO A 155 6.96 -2.18 -2.31
N GLU A 156 7.56 -3.10 -1.56
CA GLU A 156 8.71 -2.74 -0.72
C GLU A 156 9.87 -2.16 -1.55
N ALA A 157 9.91 -2.52 -2.83
CA ALA A 157 10.95 -2.00 -3.76
C ALA A 157 10.45 -0.82 -4.62
N LEU A 158 9.30 -0.24 -4.25
CA LEU A 158 8.71 0.90 -4.96
C LEU A 158 8.52 2.10 -3.99
N GLY A 159 9.30 2.11 -2.91
CA GLY A 159 9.30 3.20 -1.93
C GLY A 159 9.52 4.58 -2.58
N PHE A 160 10.26 4.59 -3.69
CA PHE A 160 10.54 5.80 -4.46
C PHE A 160 9.23 6.56 -4.75
N TYR A 161 8.15 5.82 -5.06
CA TYR A 161 6.88 6.45 -5.50
C TYR A 161 5.98 6.79 -4.32
N HIS A 162 6.43 6.43 -3.11
CA HIS A 162 5.68 6.75 -1.89
C HIS A 162 6.34 7.88 -1.11
N PHE A 163 5.56 8.93 -0.82
CA PHE A 163 6.08 10.09 -0.11
C PHE A 163 5.56 10.09 1.32
N GLU A 164 6.38 9.53 2.21
CA GLU A 164 6.05 9.44 3.62
C GLU A 164 5.66 10.81 4.19
N GLY A 165 4.54 10.86 4.88
CA GLY A 165 4.10 12.10 5.51
C GLY A 165 3.71 13.20 4.53
N ILE A 166 3.34 12.79 3.32
CA ILE A 166 2.45 13.58 2.48
C ILE A 166 1.13 12.81 2.47
N ALA A 167 0.13 13.34 3.17
CA ALA A 167 -1.16 12.66 3.35
C ALA A 167 -2.03 12.57 2.07
N LYS A 168 -2.08 13.64 1.27
CA LYS A 168 -2.93 13.72 0.08
C LYS A 168 -2.18 14.34 -1.10
N LEU A 169 -1.89 13.52 -2.12
CA LEU A 169 -1.10 13.96 -3.26
C LEU A 169 -1.70 15.15 -4.02
N LYS A 170 -3.00 15.12 -4.33
CA LYS A 170 -3.63 16.21 -5.07
C LYS A 170 -3.56 17.54 -4.29
N VAL A 171 -3.79 17.46 -2.99
CA VAL A 171 -3.73 18.63 -2.12
C VAL A 171 -2.30 19.18 -2.13
N TYR A 172 -1.32 18.30 -2.01
CA TYR A 172 0.09 18.68 -2.04
C TYR A 172 0.49 19.38 -3.35
N LYS A 173 0.07 18.82 -4.49
CA LYS A 173 0.38 19.41 -5.78
C LYS A 173 -0.27 20.79 -5.95
N ASP A 174 -1.50 20.97 -5.47
CA ASP A 174 -2.13 22.30 -5.53
C ASP A 174 -1.37 23.32 -4.69
N GLU A 175 -0.91 22.89 -3.51
CA GLU A 175 -0.09 23.71 -2.63
C GLU A 175 1.21 24.10 -3.37
N TYR A 176 1.82 23.10 -4.02
CA TYR A 176 3.06 23.28 -4.80
C TYR A 176 2.87 24.33 -5.88
N ARG A 177 1.78 24.19 -6.64
CA ARG A 177 1.49 25.14 -7.71
C ARG A 177 1.27 26.56 -7.18
N GLU A 178 0.61 26.67 -6.03
CA GLU A 178 0.46 27.97 -5.39
C GLU A 178 1.81 28.59 -5.00
N LYS A 179 2.72 27.77 -4.45
CA LYS A 179 4.11 28.21 -4.16
C LYS A 179 4.84 28.72 -5.42
N LEU A 180 4.68 28.00 -6.53
CA LEU A 180 5.25 28.46 -7.81
C LEU A 180 4.71 29.83 -8.20
N ASN A 181 3.39 30.00 -8.06
CA ASN A 181 2.73 31.24 -8.43
C ASN A 181 3.18 32.43 -7.58
N ASN A 182 3.62 32.17 -6.35
CA ASN A 182 4.02 33.26 -5.45
C ASN A 182 5.53 33.51 -5.33
N LEU A 183 6.30 32.71 -6.06
CA LEU A 183 7.74 32.84 -6.10
C LEU A 183 8.09 34.17 -6.77
N GLU A 184 8.90 34.98 -6.11
CA GLU A 184 9.31 36.25 -6.67
C GLU A 184 10.47 36.03 -7.66
N LEU A 185 10.28 36.47 -8.90
CA LEU A 185 11.28 36.27 -9.95
C LEU A 185 11.40 37.52 -10.79
N SER A 186 12.62 37.87 -11.19
CA SER A 186 12.81 38.92 -12.19
C SER A 186 12.33 38.38 -13.54
N ASP A 187 12.20 39.26 -14.53
CA ASP A 187 11.72 38.82 -15.83
C ASP A 187 12.65 37.78 -16.41
N GLU A 188 13.97 38.00 -16.36
CA GLU A 188 14.90 37.00 -16.92
C GLU A 188 15.00 35.70 -16.11
N GLN A 189 14.87 35.80 -14.79
CA GLN A 189 14.84 34.58 -13.95
C GLN A 189 13.65 33.71 -14.34
N ARG A 190 12.51 34.36 -14.59
CA ARG A 190 11.28 33.65 -14.97
C ARG A 190 11.47 32.99 -16.34
N GLU A 191 12.02 33.75 -17.28
CA GLU A 191 12.29 33.22 -18.62
C GLU A 191 13.21 32.01 -18.55
N HIS A 192 14.20 32.10 -17.67
CA HIS A 192 15.21 31.06 -17.49
C HIS A 192 14.55 29.81 -16.89
N LEU A 193 13.72 30.02 -15.89
CA LEU A 193 12.99 28.90 -15.25
C LEU A 193 12.21 28.14 -16.32
N LEU A 194 11.48 28.87 -17.15
CA LEU A 194 10.64 28.23 -18.18
C LEU A 194 11.48 27.45 -19.19
N LYS A 195 12.59 28.04 -19.62
CA LYS A 195 13.48 27.41 -20.58
C LYS A 195 14.11 26.13 -19.99
N GLU A 196 14.55 26.24 -18.74
CA GLU A 196 15.18 25.12 -18.04
C GLU A 196 14.20 23.95 -17.84
N ALA A 197 12.91 24.25 -17.65
CA ALA A 197 11.91 23.18 -17.49
C ALA A 197 11.80 22.30 -18.73
N THR A 198 11.79 22.93 -19.90
CA THR A 198 11.84 22.15 -21.15
C THR A 198 13.18 21.39 -21.25
N ASP A 199 14.31 22.03 -20.91
CA ASP A 199 15.62 21.30 -20.91
C ASP A 199 15.58 20.05 -20.00
N ALA A 200 14.95 20.21 -18.85
CA ALA A 200 14.82 19.09 -17.87
C ALA A 200 14.05 17.90 -18.49
N PHE A 201 12.95 18.19 -19.17
CA PHE A 201 12.19 17.14 -19.88
C PHE A 201 13.07 16.50 -20.95
N VAL A 202 13.84 17.31 -21.68
CA VAL A 202 14.71 16.77 -22.75
C VAL A 202 15.79 15.87 -22.16
N PHE A 203 16.37 16.25 -21.02
CA PHE A 203 17.35 15.35 -20.37
C PHE A 203 16.73 13.99 -20.07
N ASN A 204 15.50 14.00 -19.53
CA ASN A 204 14.79 12.75 -19.22
C ASN A 204 14.50 11.92 -20.48
N HIS A 205 14.09 12.60 -21.55
CA HIS A 205 13.93 11.94 -22.85
C HIS A 205 15.22 11.18 -23.25
N GLN A 206 16.38 11.85 -23.12
CA GLN A 206 17.67 11.26 -23.47
C GLN A 206 18.04 10.11 -22.52
N VAL A 207 17.71 10.23 -21.23
CA VAL A 207 17.90 9.10 -20.29
C VAL A 207 17.12 7.87 -20.80
N PHE A 208 15.87 8.06 -21.21
CA PHE A 208 15.06 6.91 -21.65
C PHE A 208 15.63 6.32 -22.95
N ALA A 209 16.10 7.21 -23.83
CA ALA A 209 16.66 6.78 -25.11
C ALA A 209 17.90 5.90 -24.92
N ASP A 210 18.77 6.28 -24.00
CA ASP A 210 19.94 5.48 -23.65
C ASP A 210 19.50 4.14 -23.04
N LEU A 211 18.49 4.16 -22.17
CA LEU A 211 18.00 2.90 -21.56
C LEU A 211 17.44 1.92 -22.61
N GLY A 212 16.79 2.44 -23.64
CA GLY A 212 16.24 1.62 -24.75
C GLY A 212 17.35 1.10 -25.65
N LYS A 213 18.51 1.76 -25.56
CA LYS A 213 19.81 1.27 -26.01
C LYS A 213 20.73 2.38 -26.49
N ALA B 4 -24.07 -39.00 18.70
CA ALA B 4 -23.77 -37.58 19.07
C ALA B 4 -24.97 -36.66 18.82
N THR B 5 -25.33 -35.84 19.81
CA THR B 5 -26.45 -34.92 19.68
C THR B 5 -26.15 -33.58 20.34
N ALA B 6 -27.08 -32.63 20.19
CA ALA B 6 -26.92 -31.27 20.73
C ALA B 6 -25.59 -30.69 20.26
N GLY B 7 -25.29 -30.87 18.97
CA GLY B 7 -24.00 -30.49 18.41
C GLY B 7 -23.66 -29.03 18.54
N LEU B 8 -22.41 -28.76 18.93
CA LEU B 8 -21.91 -27.40 19.12
C LEU B 8 -22.02 -26.54 17.84
N ALA B 9 -21.72 -27.10 16.68
CA ALA B 9 -21.80 -26.32 15.44
C ALA B 9 -23.19 -25.71 15.24
N VAL B 10 -24.24 -26.52 15.41
CA VAL B 10 -25.61 -26.03 15.22
C VAL B 10 -25.97 -24.99 16.29
N GLU B 11 -25.57 -25.25 17.53
CA GLU B 11 -25.82 -24.31 18.62
C GLU B 11 -25.10 -23.00 18.35
N LEU B 12 -23.87 -23.07 17.84
CA LEU B 12 -23.17 -21.82 17.50
C LEU B 12 -23.93 -21.05 16.44
N LYS B 13 -24.39 -21.74 15.41
CA LYS B 13 -25.08 -21.07 14.30
C LYS B 13 -26.40 -20.41 14.73
N GLN B 14 -27.21 -21.15 15.49
CA GLN B 14 -28.47 -20.59 15.99
C GLN B 14 -28.27 -19.47 17.01
N SER B 15 -27.30 -19.65 17.92
CA SER B 15 -27.02 -18.72 19.00
C SER B 15 -26.59 -17.37 18.45
N THR B 16 -25.86 -17.40 17.33
CA THR B 16 -25.32 -16.17 16.73
C THR B 16 -26.08 -15.67 15.49
N ALA B 17 -27.20 -16.32 15.16
CA ALA B 17 -28.00 -15.94 13.97
C ALA B 17 -28.43 -14.48 13.94
N GLN B 18 -28.91 -13.94 15.05
CA GLN B 18 -29.31 -12.53 15.07
C GLN B 18 -28.11 -11.60 14.93
N ALA B 19 -27.01 -11.95 15.60
CA ALA B 19 -25.78 -11.16 15.51
C ALA B 19 -25.20 -11.20 14.09
N HIS B 20 -25.31 -12.37 13.44
CA HIS B 20 -24.92 -12.48 12.04
C HIS B 20 -25.73 -11.52 11.14
N GLU B 21 -27.05 -11.50 11.30
CA GLU B 21 -27.89 -10.56 10.56
C GLU B 21 -27.46 -9.11 10.80
N LYS B 22 -27.19 -8.77 12.07
CA LYS B 22 -26.81 -7.40 12.42
C LYS B 22 -25.50 -7.02 11.70
N ALA B 23 -24.58 -7.98 11.58
CA ALA B 23 -23.28 -7.79 10.92
C ALA B 23 -23.47 -7.57 9.41
N GLU B 24 -24.19 -8.51 8.80
CA GLU B 24 -24.41 -8.57 7.37
C GLU B 24 -25.12 -7.31 6.85
N HIS B 25 -26.03 -6.79 7.68
CA HIS B 25 -26.85 -5.64 7.30
C HIS B 25 -26.37 -4.32 7.89
N SER B 26 -25.15 -4.29 8.42
CA SER B 26 -24.53 -3.05 8.86
C SER B 26 -24.48 -2.08 7.68
N THR B 27 -24.64 -0.79 7.96
CA THR B 27 -24.67 0.20 6.91
C THR B 27 -23.37 0.24 6.10
N PHE B 28 -22.22 0.12 6.78
CA PHE B 28 -20.92 0.09 6.10
C PHE B 28 -20.82 -1.10 5.13
N MET B 29 -21.11 -2.29 5.61
CA MET B 29 -21.04 -3.48 4.74
C MET B 29 -22.09 -3.44 3.64
N SER B 30 -23.27 -2.93 3.97
CA SER B 30 -24.32 -2.78 2.96
C SER B 30 -23.92 -1.80 1.85
N ASP B 31 -23.41 -0.62 2.24
CA ASP B 31 -22.94 0.39 1.28
C ASP B 31 -21.78 -0.18 0.46
N LEU B 32 -20.89 -0.90 1.12
CA LEU B 32 -19.74 -1.52 0.45
C LEU B 32 -20.14 -2.51 -0.62
N LEU B 33 -21.02 -3.47 -0.26
CA LEU B 33 -21.34 -4.58 -1.16
C LEU B 33 -22.24 -4.18 -2.32
N LYS B 34 -22.94 -3.06 -2.18
CA LYS B 34 -23.77 -2.56 -3.28
C LYS B 34 -23.11 -1.48 -4.13
N GLY B 35 -21.83 -1.25 -3.89
CA GLY B 35 -21.01 -0.38 -4.76
C GLY B 35 -21.07 1.10 -4.45
N ARG B 36 -21.58 1.47 -3.27
CA ARG B 36 -21.73 2.90 -2.91
C ARG B 36 -20.47 3.55 -2.34
N LEU B 37 -19.50 2.74 -1.97
CA LEU B 37 -18.28 3.28 -1.41
C LEU B 37 -17.17 3.35 -2.48
N GLY B 38 -16.02 2.71 -2.21
CA GLY B 38 -14.90 2.71 -3.14
C GLY B 38 -13.70 1.92 -2.66
N VAL B 39 -12.65 1.90 -3.47
CA VAL B 39 -11.44 1.14 -3.11
C VAL B 39 -10.79 1.64 -1.82
N ALA B 40 -10.77 2.96 -1.63
CA ALA B 40 -10.30 3.52 -0.36
C ALA B 40 -11.01 2.92 0.85
N GLU B 41 -12.35 2.91 0.86
CA GLU B 41 -13.10 2.32 1.98
C GLU B 41 -12.80 0.84 2.22
N PHE B 42 -12.74 0.08 1.12
CA PHE B 42 -12.33 -1.33 1.22
C PHE B 42 -10.94 -1.44 1.88
N THR B 43 -10.04 -0.58 1.45
CA THR B 43 -8.65 -0.60 1.96
C THR B 43 -8.66 -0.28 3.46
N ARG B 44 -9.53 0.64 3.89
CA ARG B 44 -9.59 0.99 5.30
C ARG B 44 -10.07 -0.21 6.15
N LEU B 45 -11.08 -0.90 5.64
CA LEU B 45 -11.58 -2.13 6.26
C LEU B 45 -10.42 -3.12 6.41
N GLN B 46 -9.66 -3.33 5.33
CA GLN B 46 -8.60 -4.34 5.38
C GLN B 46 -7.44 -3.99 6.32
N GLU B 47 -7.15 -2.69 6.46
CA GLU B 47 -6.17 -2.20 7.47
C GLU B 47 -6.61 -2.47 8.91
N GLN B 48 -7.88 -2.22 9.21
CA GLN B 48 -8.41 -2.54 10.54
C GLN B 48 -8.40 -4.05 10.76
N ALA B 49 -8.83 -4.81 9.76
CA ALA B 49 -8.72 -6.28 9.80
C ALA B 49 -7.28 -6.79 10.03
N TRP B 50 -6.31 -6.15 9.40
CA TRP B 50 -4.92 -6.56 9.63
C TRP B 50 -4.56 -6.44 11.11
N LEU B 51 -5.04 -5.38 11.75
CA LEU B 51 -4.82 -5.19 13.19
C LEU B 51 -5.42 -6.36 14.00
N PHE B 52 -6.69 -6.65 13.77
CA PHE B 52 -7.33 -7.71 14.56
C PHE B 52 -6.95 -9.13 14.17
N TYR B 53 -6.71 -9.38 12.87
CA TYR B 53 -6.18 -10.69 12.47
C TYR B 53 -4.81 -10.96 13.06
N THR B 54 -3.95 -9.95 13.12
CA THR B 54 -2.67 -10.11 13.79
C THR B 54 -2.85 -10.58 15.25
N ALA B 55 -3.71 -9.88 16.00
CA ALA B 55 -3.99 -10.25 17.38
C ALA B 55 -4.62 -11.64 17.48
N LEU B 56 -5.56 -11.92 16.56
CA LEU B 56 -6.27 -13.19 16.56
C LEU B 56 -5.27 -14.33 16.42
N GLU B 57 -4.34 -14.18 15.48
CA GLU B 57 -3.47 -15.29 15.12
C GLU B 57 -2.38 -15.54 16.16
N GLN B 58 -1.96 -14.47 16.84
CA GLN B 58 -1.16 -14.59 18.06
C GLN B 58 -1.89 -15.41 19.14
N ALA B 59 -3.16 -15.08 19.38
CA ALA B 59 -3.98 -15.90 20.30
C ALA B 59 -4.14 -17.34 19.84
N VAL B 60 -4.42 -17.54 18.55
CA VAL B 60 -4.54 -18.90 17.99
C VAL B 60 -3.23 -19.67 18.23
N ASP B 61 -2.10 -19.01 17.96
CA ASP B 61 -0.79 -19.64 18.16
C ASP B 61 -0.59 -20.11 19.60
N ALA B 62 -0.97 -19.27 20.56
CA ALA B 62 -0.83 -19.61 21.98
C ALA B 62 -1.68 -20.82 22.36
N VAL B 63 -2.93 -20.82 21.92
CA VAL B 63 -3.87 -21.86 22.29
C VAL B 63 -3.50 -23.19 21.62
N ARG B 64 -3.12 -23.13 20.34
CA ARG B 64 -2.64 -24.33 19.65
C ARG B 64 -1.41 -24.92 20.36
N ALA B 65 -0.45 -24.06 20.69
CA ALA B 65 0.78 -24.46 21.41
C ALA B 65 0.49 -25.13 22.76
N SER B 66 -0.58 -24.70 23.41
CA SER B 66 -0.97 -25.25 24.71
C SER B 66 -1.52 -26.68 24.57
N GLY B 67 -1.86 -27.05 23.33
CA GLY B 67 -2.38 -28.39 23.03
C GLY B 67 -3.90 -28.48 22.96
N PHE B 68 -4.57 -27.33 22.83
CA PHE B 68 -6.02 -27.26 22.84
C PHE B 68 -6.56 -27.06 21.43
N ALA B 69 -7.58 -27.86 21.06
CA ALA B 69 -8.27 -27.75 19.75
C ALA B 69 -7.33 -27.78 18.53
N GLU B 70 -6.27 -28.59 18.61
CA GLU B 70 -5.19 -28.59 17.62
C GLU B 70 -5.67 -28.78 16.19
N SER B 71 -6.53 -29.76 15.97
CA SER B 71 -7.04 -30.03 14.61
C SER B 71 -7.92 -28.90 14.07
N LEU B 72 -8.63 -28.18 14.93
CA LEU B 72 -9.51 -27.12 14.49
C LEU B 72 -8.68 -25.92 14.04
N LEU B 73 -7.59 -25.70 14.77
CA LEU B 73 -6.76 -24.50 14.61
C LEU B 73 -5.71 -24.67 13.49
N ASP B 74 -6.22 -24.85 12.27
CA ASP B 74 -5.42 -25.19 11.09
C ASP B 74 -4.58 -23.95 10.70
N PRO B 75 -3.23 -24.07 10.70
CA PRO B 75 -2.40 -22.92 10.33
C PRO B 75 -2.67 -22.43 8.92
N ALA B 76 -3.22 -23.30 8.08
CA ALA B 76 -3.54 -22.95 6.70
C ALA B 76 -4.53 -21.79 6.62
N LEU B 77 -5.26 -21.57 7.70
CA LEU B 77 -6.21 -20.47 7.78
C LEU B 77 -5.56 -19.10 7.98
N ASN B 78 -4.31 -19.08 8.46
CA ASN B 78 -3.67 -17.79 8.78
C ASN B 78 -3.83 -16.78 7.65
N ARG B 79 -4.27 -15.59 8.00
CA ARG B 79 -4.55 -14.51 7.05
C ARG B 79 -3.61 -13.32 7.15
N ALA B 80 -2.94 -13.15 8.29
CA ALA B 80 -2.18 -11.90 8.52
C ALA B 80 -1.11 -11.60 7.47
N GLU B 81 -0.39 -12.62 7.00
CA GLU B 81 0.63 -12.40 5.97
C GLU B 81 0.01 -12.06 4.61
N VAL B 82 -0.97 -12.87 4.20
CA VAL B 82 -1.65 -12.65 2.89
C VAL B 82 -2.34 -11.29 2.90
N LEU B 83 -2.90 -10.91 4.04
CA LEU B 83 -3.57 -9.61 4.15
C LEU B 83 -2.59 -8.44 3.99
N ALA B 84 -1.40 -8.57 4.60
CA ALA B 84 -0.35 -7.54 4.42
C ALA B 84 0.09 -7.41 2.93
N ARG B 85 0.23 -8.53 2.26
CA ARG B 85 0.49 -8.54 0.81
C ARG B 85 -0.60 -7.83 0.01
N ASP B 86 -1.87 -8.07 0.36
CA ASP B 86 -2.99 -7.33 -0.27
C ASP B 86 -2.86 -5.81 -0.04
N LEU B 87 -2.58 -5.42 1.21
CA LEU B 87 -2.45 -4.00 1.55
C LEU B 87 -1.26 -3.35 0.87
N ASP B 88 -0.17 -4.11 0.71
CA ASP B 88 0.99 -3.64 -0.07
C ASP B 88 0.52 -3.24 -1.50
N LYS B 89 -0.22 -4.14 -2.14
CA LYS B 89 -0.78 -3.90 -3.49
C LYS B 89 -1.79 -2.77 -3.55
N LEU B 90 -2.72 -2.75 -2.59
CA LEU B 90 -3.78 -1.73 -2.55
C LEU B 90 -3.22 -0.33 -2.28
N ASN B 91 -2.36 -0.22 -1.27
CA ASN B 91 -1.74 1.06 -0.90
C ASN B 91 -0.58 1.45 -1.84
N GLY B 92 -0.03 0.48 -2.56
CA GLY B 92 1.03 0.72 -3.52
C GLY B 92 2.41 0.83 -2.92
N SER B 93 2.51 0.64 -1.60
CA SER B 93 3.80 0.62 -0.93
C SER B 93 3.72 -0.26 0.32
N SER B 94 4.86 -0.50 0.96
CA SER B 94 4.90 -1.33 2.16
C SER B 94 4.75 -0.48 3.43
N GLU B 95 4.63 0.84 3.29
CA GLU B 95 4.74 1.78 4.42
C GLU B 95 3.43 2.17 5.10
N TRP B 96 2.33 1.52 4.72
CA TRP B 96 1.02 1.73 5.33
C TRP B 96 0.96 1.36 6.82
N ARG B 97 1.82 0.43 7.23
CA ARG B 97 1.82 -0.06 8.61
C ARG B 97 1.95 1.06 9.63
N SER B 98 2.88 1.98 9.38
CA SER B 98 3.19 3.05 10.33
C SER B 98 2.04 4.02 10.58
N ARG B 99 1.21 4.27 9.57
CA ARG B 99 0.20 5.30 9.74
C ARG B 99 -1.19 4.83 10.15
N ILE B 100 -1.44 3.52 10.13
CA ILE B 100 -2.79 3.04 10.44
C ILE B 100 -3.13 3.21 11.94
N THR B 101 -4.26 3.84 12.21
CA THR B 101 -4.73 4.06 13.57
C THR B 101 -5.85 3.07 13.87
N ALA B 102 -5.74 2.31 14.95
CA ALA B 102 -6.85 1.45 15.37
C ALA B 102 -8.03 2.30 15.85
N SER B 103 -9.20 2.04 15.25
CA SER B 103 -10.46 2.60 15.73
C SER B 103 -10.71 2.16 17.18
N PRO B 104 -11.57 2.90 17.92
CA PRO B 104 -11.91 2.46 19.28
C PRO B 104 -12.42 1.01 19.34
N ALA B 105 -13.22 0.62 18.35
CA ALA B 105 -13.74 -0.73 18.29
C ALA B 105 -12.60 -1.73 18.10
N VAL B 106 -11.64 -1.37 17.26
CA VAL B 106 -10.51 -2.28 17.00
C VAL B 106 -9.60 -2.40 18.24
N ILE B 107 -9.37 -1.29 18.92
CA ILE B 107 -8.64 -1.33 20.19
C ILE B 107 -9.26 -2.34 21.17
N ASP B 108 -10.59 -2.23 21.37
CA ASP B 108 -11.34 -3.14 22.24
C ASP B 108 -11.22 -4.61 21.82
N TYR B 109 -11.35 -4.85 20.52
CA TYR B 109 -11.30 -6.19 19.92
C TYR B 109 -9.91 -6.79 20.12
N VAL B 110 -8.88 -6.02 19.73
CA VAL B 110 -7.49 -6.45 19.90
C VAL B 110 -7.15 -6.72 21.38
N ASN B 111 -7.62 -5.83 22.25
CA ASN B 111 -7.35 -5.97 23.69
C ASN B 111 -7.94 -7.30 24.19
N ARG B 112 -9.14 -7.64 23.73
CA ARG B 112 -9.76 -8.91 24.12
C ARG B 112 -8.97 -10.09 23.57
N LEU B 113 -8.58 -10.02 22.30
CA LEU B 113 -7.78 -11.09 21.71
C LEU B 113 -6.42 -11.29 22.43
N GLU B 114 -5.79 -10.18 22.82
CA GLU B 114 -4.55 -10.22 23.60
C GLU B 114 -4.72 -10.85 25.00
N GLU B 115 -5.85 -10.56 25.64
CA GLU B 115 -6.25 -11.22 26.89
C GLU B 115 -6.39 -12.73 26.74
N ILE B 116 -7.11 -13.15 25.67
CA ILE B 116 -7.26 -14.55 25.33
C ILE B 116 -5.89 -15.20 25.08
N ARG B 117 -5.00 -14.48 24.41
CA ARG B 117 -3.67 -14.98 24.11
C ARG B 117 -2.90 -15.24 25.42
N ASP B 118 -2.90 -14.26 26.32
CA ASP B 118 -1.99 -14.35 27.46
C ASP B 118 -2.56 -15.23 28.56
N ASN B 119 -3.90 -15.30 28.63
CA ASN B 119 -4.60 -16.22 29.54
C ASN B 119 -4.65 -17.63 28.93
N VAL B 120 -4.28 -17.74 27.65
CA VAL B 120 -4.38 -18.99 26.90
C VAL B 120 -5.80 -19.62 27.12
N ASP B 121 -6.83 -18.81 26.81
CA ASP B 121 -8.24 -19.18 27.05
C ASP B 121 -8.76 -19.89 25.80
N GLY B 122 -8.67 -21.22 25.82
CA GLY B 122 -8.94 -22.04 24.62
C GLY B 122 -10.37 -21.93 24.13
N PRO B 123 -11.35 -22.17 25.02
CA PRO B 123 -12.75 -22.03 24.58
C PRO B 123 -13.10 -20.64 23.97
N ALA B 124 -12.65 -19.57 24.62
CA ALA B 124 -12.84 -18.23 24.09
C ALA B 124 -12.17 -18.05 22.72
N LEU B 125 -10.97 -18.59 22.58
CA LEU B 125 -10.28 -18.53 21.28
C LEU B 125 -11.05 -19.23 20.17
N VAL B 126 -11.52 -20.47 20.43
CA VAL B 126 -12.35 -21.18 19.44
C VAL B 126 -13.55 -20.33 18.96
N ALA B 127 -14.19 -19.61 19.88
CA ALA B 127 -15.32 -18.77 19.49
C ALA B 127 -14.92 -17.71 18.47
N HIS B 128 -13.79 -17.04 18.72
CA HIS B 128 -13.30 -15.99 17.83
C HIS B 128 -12.88 -16.55 16.46
N HIS B 129 -12.30 -17.74 16.52
CA HIS B 129 -11.81 -18.48 15.35
C HIS B 129 -12.99 -18.79 14.40
N TYR B 130 -14.05 -19.34 14.97
CA TYR B 130 -15.29 -19.62 14.25
C TYR B 130 -15.87 -18.37 13.57
N VAL B 131 -16.05 -17.29 14.34
CA VAL B 131 -16.73 -16.09 13.86
C VAL B 131 -15.94 -15.47 12.71
N ARG B 132 -14.61 -15.41 12.84
CA ARG B 132 -13.84 -14.81 11.77
C ARG B 132 -13.62 -15.77 10.59
N TYR B 133 -13.04 -16.95 10.84
CA TYR B 133 -12.68 -17.78 9.67
C TYR B 133 -13.87 -18.37 8.90
N LEU B 134 -14.91 -18.77 9.61
CA LEU B 134 -16.05 -19.35 8.89
C LEU B 134 -16.79 -18.30 8.07
N GLY B 135 -16.76 -17.06 8.54
CA GLY B 135 -17.17 -15.89 7.76
C GLY B 135 -16.37 -15.76 6.48
N ASP B 136 -15.05 -15.78 6.61
CA ASP B 136 -14.15 -15.60 5.46
C ASP B 136 -14.40 -16.67 4.40
N LEU B 137 -14.69 -17.89 4.85
CA LEU B 137 -14.92 -19.04 3.98
C LEU B 137 -16.34 -19.06 3.38
N SER B 138 -17.18 -18.13 3.84
CA SER B 138 -18.60 -18.07 3.46
C SER B 138 -18.90 -16.75 2.74
N GLY B 139 -19.44 -15.76 3.45
CA GLY B 139 -19.76 -14.50 2.75
C GLY B 139 -18.53 -13.75 2.27
N GLY B 140 -17.36 -14.05 2.86
CA GLY B 140 -16.07 -13.49 2.38
C GLY B 140 -15.92 -13.69 0.88
N GLN B 141 -16.42 -14.83 0.42
CA GLN B 141 -16.33 -15.17 -1.01
C GLN B 141 -17.17 -14.21 -1.86
N VAL B 142 -18.32 -13.82 -1.32
CA VAL B 142 -19.19 -12.85 -1.99
C VAL B 142 -18.54 -11.45 -1.96
N ILE B 143 -18.00 -11.06 -0.80
CA ILE B 143 -17.27 -9.80 -0.66
C ILE B 143 -16.17 -9.70 -1.72
N ALA B 144 -15.34 -10.72 -1.85
CA ALA B 144 -14.26 -10.70 -2.86
C ALA B 144 -14.78 -10.39 -4.27
N ARG B 145 -15.80 -11.14 -4.68
CA ARG B 145 -16.42 -10.95 -5.99
C ARG B 145 -16.97 -9.54 -6.16
N MET B 146 -17.59 -9.00 -5.11
CA MET B 146 -18.13 -7.63 -5.16
C MET B 146 -17.05 -6.55 -5.24
N MET B 147 -15.90 -6.81 -4.62
CA MET B 147 -14.78 -5.87 -4.74
C MET B 147 -14.29 -5.76 -6.19
N GLN B 148 -14.30 -6.87 -6.91
CA GLN B 148 -14.02 -6.83 -8.34
C GLN B 148 -15.12 -6.13 -9.14
N ARG B 149 -16.37 -6.52 -8.88
CA ARG B 149 -17.51 -6.04 -9.66
C ARG B 149 -17.77 -4.55 -9.49
N HIS B 150 -17.71 -4.08 -8.25
CA HIS B 150 -18.02 -2.68 -7.98
C HIS B 150 -16.82 -1.75 -8.00
N TYR B 151 -15.67 -2.26 -7.61
CA TYR B 151 -14.50 -1.38 -7.44
C TYR B 151 -13.29 -1.68 -8.29
N GLY B 152 -13.39 -2.72 -9.14
CA GLY B 152 -12.30 -3.11 -10.04
C GLY B 152 -11.03 -3.57 -9.32
N VAL B 153 -11.17 -4.08 -8.10
CA VAL B 153 -9.98 -4.50 -7.36
C VAL B 153 -9.34 -5.69 -8.08
N ASP B 154 -8.02 -5.64 -8.26
CA ASP B 154 -7.26 -6.73 -8.85
C ASP B 154 -7.44 -8.00 -7.99
N PRO B 155 -7.78 -9.15 -8.63
CA PRO B 155 -7.92 -10.37 -7.83
C PRO B 155 -6.65 -10.74 -7.07
N GLU B 156 -5.48 -10.32 -7.55
CA GLU B 156 -4.23 -10.59 -6.81
C GLU B 156 -4.18 -9.83 -5.47
N ALA B 157 -5.00 -8.80 -5.33
CA ALA B 157 -5.12 -8.01 -4.10
C ALA B 157 -6.29 -8.47 -3.21
N LEU B 158 -6.86 -9.62 -3.54
CA LEU B 158 -7.95 -10.21 -2.77
C LEU B 158 -7.51 -11.55 -2.20
N GLY B 159 -6.20 -11.69 -1.99
CA GLY B 159 -5.61 -12.93 -1.42
C GLY B 159 -6.21 -13.34 -0.09
N PHE B 160 -6.64 -12.35 0.69
CA PHE B 160 -7.29 -12.57 1.95
C PHE B 160 -8.46 -13.56 1.83
N TYR B 161 -9.22 -13.49 0.73
CA TYR B 161 -10.44 -14.31 0.56
C TYR B 161 -10.14 -15.63 -0.16
N HIS B 162 -8.88 -15.87 -0.51
CA HIS B 162 -8.46 -17.07 -1.24
C HIS B 162 -7.69 -17.98 -0.29
N PHE B 163 -8.18 -19.23 -0.12
CA PHE B 163 -7.51 -20.17 0.78
C PHE B 163 -6.82 -21.31 -0.01
N GLU B 164 -5.60 -21.05 -0.50
CA GLU B 164 -4.92 -22.05 -1.33
C GLU B 164 -4.43 -23.22 -0.52
N GLY B 165 -4.38 -23.07 0.79
CA GLY B 165 -3.87 -24.10 1.69
C GLY B 165 -4.87 -25.16 2.11
N ILE B 166 -6.09 -25.05 1.64
CA ILE B 166 -7.12 -25.96 2.12
C ILE B 166 -7.88 -26.59 0.96
N ALA B 167 -8.63 -27.66 1.29
CA ALA B 167 -9.54 -28.34 0.33
C ALA B 167 -10.64 -27.39 -0.14
N LYS B 168 -11.52 -27.89 -1.02
CA LYS B 168 -12.69 -27.11 -1.47
C LYS B 168 -13.57 -26.65 -0.30
N LEU B 169 -14.11 -25.44 -0.42
CA LEU B 169 -14.67 -24.78 0.76
C LEU B 169 -15.84 -25.49 1.45
N LYS B 170 -16.81 -26.02 0.70
CA LYS B 170 -18.00 -26.70 1.27
C LYS B 170 -17.59 -27.85 2.19
N VAL B 171 -16.69 -28.70 1.66
CA VAL B 171 -16.14 -29.84 2.38
C VAL B 171 -15.33 -29.39 3.60
N TYR B 172 -14.46 -28.40 3.40
CA TYR B 172 -13.68 -27.87 4.51
C TYR B 172 -14.59 -27.40 5.66
N LYS B 173 -15.67 -26.70 5.31
CA LYS B 173 -16.57 -26.13 6.31
C LYS B 173 -17.35 -27.24 7.04
N ASP B 174 -17.74 -28.29 6.31
CA ASP B 174 -18.38 -29.46 6.93
C ASP B 174 -17.41 -30.11 7.93
N GLU B 175 -16.15 -30.28 7.52
CA GLU B 175 -15.15 -30.89 8.37
C GLU B 175 -14.91 -30.04 9.61
N TYR B 176 -14.88 -28.72 9.43
CA TYR B 176 -14.76 -27.77 10.53
C TYR B 176 -15.90 -27.91 11.53
N ARG B 177 -17.14 -28.00 11.03
CA ARG B 177 -18.31 -28.17 11.89
C ARG B 177 -18.22 -29.48 12.66
N GLU B 178 -17.73 -30.54 12.00
CA GLU B 178 -17.53 -31.82 12.68
C GLU B 178 -16.47 -31.72 13.79
N LYS B 179 -15.42 -30.93 13.57
CA LYS B 179 -14.39 -30.77 14.59
C LYS B 179 -14.96 -30.01 15.80
N LEU B 180 -15.78 -29.00 15.53
CA LEU B 180 -16.52 -28.31 16.60
C LEU B 180 -17.37 -29.30 17.42
N ASN B 181 -18.15 -30.12 16.71
CA ASN B 181 -19.00 -31.15 17.35
C ASN B 181 -18.21 -32.12 18.24
N ASN B 182 -16.98 -32.40 17.82
CA ASN B 182 -16.14 -33.43 18.45
C ASN B 182 -15.22 -32.90 19.56
N LEU B 183 -15.22 -31.58 19.72
CA LEU B 183 -14.51 -30.94 20.81
C LEU B 183 -15.04 -31.38 22.17
N GLU B 184 -14.18 -32.02 22.95
CA GLU B 184 -14.46 -32.38 24.31
C GLU B 184 -14.53 -31.12 25.18
N LEU B 185 -15.73 -30.71 25.56
CA LEU B 185 -15.92 -29.51 26.39
C LEU B 185 -16.82 -29.79 27.58
N SER B 186 -16.37 -29.39 28.77
CA SER B 186 -17.25 -29.36 29.95
C SER B 186 -18.40 -28.39 29.71
N ASP B 187 -19.47 -28.52 30.48
CA ASP B 187 -20.54 -27.52 30.42
C ASP B 187 -19.97 -26.11 30.57
N GLU B 188 -19.07 -25.91 31.53
CA GLU B 188 -18.49 -24.59 31.80
C GLU B 188 -17.75 -24.04 30.58
N GLN B 189 -16.94 -24.87 29.94
CA GLN B 189 -16.22 -24.44 28.72
C GLN B 189 -17.17 -24.07 27.59
N ARG B 190 -18.20 -24.89 27.43
CA ARG B 190 -19.16 -24.75 26.32
C ARG B 190 -19.93 -23.45 26.45
N GLU B 191 -20.37 -23.16 27.69
CA GLU B 191 -21.09 -21.93 27.96
C GLU B 191 -20.20 -20.69 27.73
N HIS B 192 -18.94 -20.80 28.16
CA HIS B 192 -17.95 -19.74 27.96
C HIS B 192 -17.73 -19.47 26.46
N LEU B 193 -17.59 -20.54 25.68
CA LEU B 193 -17.39 -20.46 24.24
C LEU B 193 -18.58 -19.74 23.57
N LEU B 194 -19.80 -20.18 23.90
CA LEU B 194 -21.02 -19.63 23.31
C LEU B 194 -21.20 -18.15 23.60
N LYS B 195 -20.95 -17.77 24.85
CA LYS B 195 -20.97 -16.37 25.24
C LYS B 195 -19.95 -15.58 24.40
N GLU B 196 -18.74 -16.12 24.28
CA GLU B 196 -17.67 -15.38 23.57
C GLU B 196 -17.99 -15.22 22.07
N ALA B 197 -18.69 -16.21 21.51
CA ALA B 197 -19.10 -16.15 20.10
C ALA B 197 -19.98 -14.93 19.83
N THR B 198 -20.96 -14.68 20.70
CA THR B 198 -21.75 -13.46 20.57
C THR B 198 -20.88 -12.21 20.69
N ASP B 199 -20.02 -12.19 21.70
CA ASP B 199 -19.10 -11.05 21.94
C ASP B 199 -18.23 -10.80 20.72
N ALA B 200 -17.76 -11.87 20.09
CA ALA B 200 -16.94 -11.76 18.86
C ALA B 200 -17.74 -11.06 17.73
N PHE B 201 -18.96 -11.51 17.45
CA PHE B 201 -19.83 -10.79 16.50
C PHE B 201 -20.02 -9.33 16.83
N VAL B 202 -20.26 -9.03 18.11
CA VAL B 202 -20.41 -7.66 18.56
C VAL B 202 -19.17 -6.81 18.28
N PHE B 203 -17.97 -7.35 18.54
CA PHE B 203 -16.75 -6.62 18.19
C PHE B 203 -16.76 -6.22 16.71
N ASN B 204 -17.15 -7.17 15.86
CA ASN B 204 -17.25 -6.90 14.44
C ASN B 204 -18.33 -5.85 14.08
N HIS B 205 -19.51 -5.96 14.67
CA HIS B 205 -20.51 -4.87 14.51
C HIS B 205 -19.85 -3.52 14.82
N GLN B 206 -19.10 -3.48 15.91
CA GLN B 206 -18.56 -2.19 16.35
C GLN B 206 -17.48 -1.69 15.42
N VAL B 207 -16.71 -2.61 14.85
CA VAL B 207 -15.74 -2.26 13.83
C VAL B 207 -16.44 -1.64 12.60
N PHE B 208 -17.51 -2.28 12.12
CA PHE B 208 -18.26 -1.76 10.98
C PHE B 208 -18.88 -0.39 11.31
N ALA B 209 -19.36 -0.23 12.54
CA ALA B 209 -19.96 1.03 12.98
C ALA B 209 -18.94 2.17 12.95
N ASP B 210 -17.73 1.89 13.42
CA ASP B 210 -16.65 2.87 13.36
C ASP B 210 -16.28 3.27 11.93
N LEU B 211 -16.16 2.27 11.05
CA LEU B 211 -15.84 2.51 9.64
C LEU B 211 -16.94 3.30 8.96
N GLY B 212 -18.19 3.04 9.37
CA GLY B 212 -19.36 3.59 8.71
C GLY B 212 -19.78 4.94 9.24
C1 GLC C . -2.28 15.58 -22.87
C2 GLC C . -3.33 15.93 -23.93
C3 GLC C . -4.55 16.52 -23.23
C4 GLC C . -5.06 15.56 -22.15
C5 GLC C . -3.94 15.20 -21.17
C6 GLC C . -4.40 14.20 -20.12
O2 GLC C . -2.78 16.86 -24.86
O3 GLC C . -5.61 16.71 -24.16
O4 GLC C . -6.16 16.21 -21.52
O5 GLC C . -2.86 14.64 -21.95
O6 GLC C . -3.32 13.67 -19.33
C1 FRU C . 0.43 16.72 -23.06
C2 FRU C . -0.49 16.88 -21.85
C3 FRU C . -0.25 18.22 -21.17
C4 FRU C . -0.54 17.89 -19.72
C5 FRU C . 0.08 16.50 -19.58
C6 FRU C . -0.46 15.67 -18.41
O1 FRU C . 1.07 15.45 -22.97
O2 FRU C . -1.87 16.79 -22.22
O3 FRU C . -1.15 19.23 -21.67
O4 FRU C . -0.01 18.85 -18.80
O5 FRU C . -0.17 15.88 -20.85
O6 FRU C . -1.89 15.71 -18.39
C1 GLC D . -30.77 -15.81 7.43
C2 GLC D . -32.29 -16.01 7.43
C3 GLC D . -32.62 -17.36 6.82
C4 GLC D . -31.99 -17.50 5.42
C5 GLC D . -30.48 -17.21 5.48
C6 GLC D . -29.81 -17.26 4.10
O2 GLC D . -32.76 -16.00 8.78
O3 GLC D . -34.03 -17.61 6.80
O4 GLC D . -32.20 -18.86 5.07
O5 GLC D . -30.24 -15.94 6.10
O6 GLC D . -28.41 -16.99 4.19
C1 FRU D . -29.40 -15.25 10.09
C2 FRU D . -29.07 -16.35 9.11
C3 FRU D . -28.56 -17.50 9.97
C4 FRU D . -27.60 -18.18 9.00
C5 FRU D . -26.96 -16.98 8.30
C6 FRU D . -26.35 -17.16 6.90
O1 FRU D . -28.14 -14.70 10.46
O2 FRU D . -30.19 -16.79 8.33
O3 FRU D . -29.61 -18.32 10.53
O4 FRU D . -26.62 -18.93 9.70
O5 FRU D . -27.99 -15.97 8.25
O6 FRU D . -26.97 -18.24 6.17
N1 AZI E . 5.69 10.46 -14.51
N2 AZI E . 4.93 11.33 -14.39
N3 AZI E . 4.16 12.20 -14.33
S SO4 F . 22.43 6.57 1.33
O1 SO4 F . 23.80 6.31 0.88
O2 SO4 F . 22.36 6.49 2.79
O3 SO4 F . 21.54 5.55 0.78
O4 SO4 F . 22.01 7.90 0.89
S SO4 G . 30.35 14.44 -5.66
O1 SO4 G . 30.80 14.63 -4.28
O2 SO4 G . 31.36 13.68 -6.39
O3 SO4 G . 29.08 13.70 -5.65
O4 SO4 G . 30.17 15.73 -6.32
S SO4 H . 10.47 31.22 0.24
O1 SO4 H . 11.95 31.25 0.31
O2 SO4 H . 9.94 29.99 0.84
O3 SO4 H . 9.94 32.35 1.01
O4 SO4 H . 10.07 31.31 -1.15
S SO4 I . 12.89 7.16 -28.23
O1 SO4 I . 12.97 6.84 -26.81
O2 SO4 I . 11.53 7.57 -28.57
O3 SO4 I . 13.80 8.28 -28.49
O4 SO4 I . 13.29 6.01 -29.01
S SO4 J . -0.86 17.03 2.18
O1 SO4 J . -0.07 15.82 2.34
O2 SO4 J . -1.25 17.52 3.51
O3 SO4 J . -0.08 18.05 1.48
O4 SO4 J . -2.06 16.74 1.42
O2D VEA K . 2.04 21.17 -14.19
CGD VEA K . 1.44 20.07 -14.08
O1D VEA K . 0.41 19.95 -13.41
CBD VEA K . 1.99 18.85 -14.78
CAD VEA K . 2.65 17.98 -13.72
C3D VEA K . 3.46 16.87 -14.37
C2D VEA K . 4.84 16.85 -14.54
C5D VEA K . 5.94 17.84 -14.20
C4D VEA K . 2.95 15.61 -14.91
CHA VEA K . 1.60 15.21 -14.96
N1 VEA K . 4.01 14.93 -15.60
C1D VEA K . 5.21 15.59 -15.21
CHD VEA K . 6.42 15.11 -15.57
C4C VEA K . 6.65 13.90 -16.20
C3C VEA K . 7.99 13.45 -16.59
CAC VEA K . 9.20 14.27 -16.30
CBC VEA K . 10.38 13.69 -16.17
C2C VEA K . 7.93 12.25 -17.19
C5C VEA K . 8.98 11.32 -17.78
FE VEA K . 3.74 13.11 -16.27
N2 VEA K . 1.80 12.98 -16.03
C1A VEA K . 1.09 14.01 -15.49
N3 VEA K . 5.76 12.92 -16.48
C1C VEA K . 6.52 12.05 -17.15
O VEA K . 6.18 10.89 -17.68
C4B VEA K . 4.96 10.52 -17.62
C3B VEA K . 4.46 9.29 -18.21
CAB VEA K . 5.27 8.20 -18.80
CBB VEA K . 4.75 7.39 -19.70
C2B VEA K . 3.15 9.34 -17.99
C5B VEA K . 1.97 8.41 -18.31
N4 VEA K . 4.10 11.44 -17.29
C1B VEA K . 2.91 10.64 -17.35
CHB VEA K . 1.56 10.91 -17.07
C4A VEA K . 1.00 12.01 -16.45
C3A VEA K . -0.38 12.42 -16.08
C5A VEA K . -1.56 11.52 -16.37
C2A VEA K . -0.32 13.63 -15.47
CAA VEA K . -1.49 14.49 -14.94
CBA VEA K . -1.50 14.55 -13.42
CGA VEA K . -1.83 13.19 -12.81
O1A VEA K . -1.41 12.93 -11.68
O2A VEA K . -2.53 12.39 -13.47
N1 AZI L . -18.80 -12.95 5.58
N2 AZI L . -19.36 -13.95 5.85
N3 AZI L . -19.93 -14.95 6.08
S SO4 M . 4.40 -9.70 7.25
O1 SO4 M . 5.63 -10.45 6.99
O2 SO4 M . 3.33 -10.64 7.56
O3 SO4 M . 4.60 -8.77 8.37
O4 SO4 M . 4.06 -8.94 6.06
S SO4 N . -12.95 -13.82 31.02
O1 SO4 N . -11.71 -13.08 30.80
O2 SO4 N . -12.65 -15.10 31.67
O3 SO4 N . -13.60 -14.08 29.74
O4 SO4 N . -13.85 -13.05 31.86
S SO4 O . -22.33 -24.03 3.66
O1 SO4 O . -21.63 -25.34 3.72
O2 SO4 O . -23.75 -24.20 4.04
O3 SO4 O . -21.71 -23.10 4.61
O4 SO4 O . -22.24 -23.51 2.28
S SO4 P . -7.49 -31.79 19.42
O1 SO4 P . -7.21 -31.77 17.99
O2 SO4 P . -7.57 -33.17 19.88
O3 SO4 P . -6.44 -31.08 20.17
O4 SO4 P . -8.78 -31.15 19.67
S SO4 Q . -15.09 -16.05 -12.52
O1 SO4 Q . -13.73 -16.50 -12.20
O2 SO4 Q . -16.05 -16.77 -11.70
O3 SO4 Q . -15.19 -14.62 -12.26
O4 SO4 Q . -15.37 -16.31 -13.93
O2D VEA R . -22.23 -21.77 11.51
CGD VEA R . -22.41 -21.48 10.31
O1D VEA R . -22.49 -22.32 9.38
CBD VEA R . -22.44 -20.01 9.98
CAD VEA R . -21.03 -19.66 9.57
C3D VEA R . -20.92 -18.18 9.31
C2D VEA R . -20.26 -17.28 10.11
C5D VEA R . -19.47 -17.43 11.41
C4D VEA R . -21.47 -17.41 8.19
CHA VEA R . -22.23 -17.90 7.12
N1 VEA R . -21.28 -16.03 8.41
C1D VEA R . -20.36 -15.95 9.52
CHD VEA R . -19.82 -14.75 10.00
C4C VEA R . -19.96 -13.51 9.42
C3C VEA R . -19.41 -12.25 9.92
CAC VEA R . -18.62 -12.25 11.18
CBC VEA R . -17.59 -11.43 11.30
C2C VEA R . -19.75 -11.21 9.11
C5C VEA R . -19.42 -9.74 9.17
FE VEA R . -21.49 -14.58 7.06
N2 VEA R . -22.63 -15.78 5.94
C1A VEA R . -22.73 -17.14 6.08
N3 VEA R . -20.69 -13.21 8.32
C1C VEA R . -20.51 -11.91 8.09
O VEA R . -21.08 -11.26 7.04
C4B VEA R . -21.76 -11.83 5.99
C3B VEA R . -22.24 -10.95 4.97
CAB VEA R . -22.05 -9.50 4.83
CBB VEA R . -20.86 -8.95 4.86
C2B VEA R . -22.90 -11.76 4.14
C5B VEA R . -23.66 -11.49 2.85
N4 VEA R . -22.32 -13.07 5.96
C1B VEA R . -22.83 -13.10 4.69
CHB VEA R . -23.37 -14.23 4.18
C4A VEA R . -23.24 -15.47 4.76
C3A VEA R . -23.82 -16.68 4.19
C5A VEA R . -24.61 -16.50 2.90
C2A VEA R . -23.51 -17.72 4.99
CAA VEA R . -23.91 -19.18 4.80
CBA VEA R . -22.76 -19.98 4.18
CGA VEA R . -22.35 -19.59 2.77
O1A VEA R . -21.17 -19.84 2.40
O2A VEA R . -23.17 -19.06 1.97
#